data_4CHL
#
_entry.id   4CHL
#
_cell.length_a   73.940
_cell.length_b   124.930
_cell.length_c   63.090
_cell.angle_alpha   90.00
_cell.angle_beta   90.00
_cell.angle_gamma   90.00
#
_symmetry.space_group_name_H-M   'P 21 21 21'
#
loop_
_entity.id
_entity.type
_entity.pdbx_description
1 polymer 'PERSULFIDE DIOXYGENASE ETHE1, MITOCHONDRIAL'
2 non-polymer 'FE (III) ION'
3 water water
#
_entity_poly.entity_id   1
_entity_poly.type   'polypeptide(L)'
_entity_poly.pdbx_seq_one_letter_code
;GPVDAPILLRQMFEPVSCTFTYLLGDRESREAVLIDPVLETAPRDAQLIKELGLRLLYAVNTHCHADHITGSGLLRSLLP
GCQSVISRLSGAQADLHIEDGDSIRFGRFALETRASPGHTPGCVTFVLNDHSMAFTGDALLIRGCGRTDFQQGCAKTLYH
SVHEKIFTLPGDCLIYPAHDYHGFTVSTVEEERTLNPRLTLSCEEFVKIMGNLNLPKPQQIDFAVPANMR(CSD)GVQTP
TA
;
_entity_poly.pdbx_strand_id   A,B
#
# COMPACT_ATOMS: atom_id res chain seq x y z
N PRO A 2 -5.21 -25.37 2.56
CA PRO A 2 -4.13 -24.39 2.58
C PRO A 2 -2.85 -24.98 3.18
N VAL A 3 -2.14 -25.77 2.39
CA VAL A 3 -0.88 -26.39 2.82
C VAL A 3 0.31 -25.77 2.08
N ASP A 4 0.12 -25.47 0.81
CA ASP A 4 1.13 -24.74 0.04
C ASP A 4 1.27 -23.35 0.61
N ALA A 5 2.47 -22.77 0.50
CA ALA A 5 2.73 -21.46 1.06
C ALA A 5 1.93 -20.39 0.34
N PRO A 6 1.59 -19.30 1.03
CA PRO A 6 0.83 -18.23 0.38
C PRO A 6 1.69 -17.46 -0.62
N ILE A 7 1.07 -16.79 -1.58
CA ILE A 7 1.80 -16.01 -2.55
C ILE A 7 2.49 -14.84 -1.87
N LEU A 8 3.69 -14.49 -2.33
CA LEU A 8 4.36 -13.29 -1.86
C LEU A 8 3.88 -12.12 -2.72
N LEU A 9 3.55 -11.02 -2.06
CA LEU A 9 3.09 -9.82 -2.74
C LEU A 9 3.63 -8.57 -2.07
N ARG A 10 4.29 -7.72 -2.85
CA ARG A 10 4.78 -6.45 -2.36
C ARG A 10 4.38 -5.32 -3.31
N GLN A 11 3.74 -4.30 -2.73
CA GLN A 11 3.28 -3.15 -3.49
C GLN A 11 4.20 -1.96 -3.20
N MET A 12 4.95 -1.52 -4.21
CA MET A 12 5.78 -0.33 -4.10
C MET A 12 5.07 0.87 -4.71
N PHE A 13 5.41 2.05 -4.22
CA PHE A 13 4.77 3.29 -4.67
C PHE A 13 5.80 4.34 -5.07
N GLU A 14 5.61 4.91 -6.25
CA GLU A 14 6.48 5.97 -6.75
C GLU A 14 5.76 7.32 -6.58
N PRO A 15 6.24 8.16 -5.63
CA PRO A 15 5.46 9.33 -5.20
C PRO A 15 5.10 10.37 -6.28
N VAL A 16 6.04 10.75 -7.13
CA VAL A 16 5.76 11.83 -8.10
C VAL A 16 4.81 11.35 -9.20
N SER A 17 5.02 10.12 -9.67
CA SER A 17 4.20 9.56 -10.73
C SER A 17 2.92 8.97 -10.17
N CYS A 18 2.91 8.70 -8.87
CA CYS A 18 1.82 7.99 -8.20
C CYS A 18 1.63 6.59 -8.79
N THR A 19 2.73 5.97 -9.21
CA THR A 19 2.68 4.64 -9.83
C THR A 19 2.83 3.52 -8.79
N PHE A 20 2.11 2.42 -9.03
CA PHE A 20 2.24 1.22 -8.21
C PHE A 20 2.98 0.13 -8.96
N THR A 21 4.14 -0.25 -8.43
CA THR A 21 4.88 -1.42 -8.92
C THR A 21 4.53 -2.60 -8.02
N TYR A 22 4.32 -3.77 -8.62
CA TYR A 22 3.94 -4.97 -7.86
C TYR A 22 4.93 -6.11 -8.07
N LEU A 23 5.51 -6.58 -6.98
CA LEU A 23 6.36 -7.76 -6.98
C LEU A 23 5.56 -8.97 -6.52
N LEU A 24 5.46 -9.98 -7.38
CA LEU A 24 4.79 -11.23 -7.06
C LEU A 24 5.81 -12.36 -7.09
N GLY A 25 5.78 -13.23 -6.09
CA GLY A 25 6.73 -14.32 -6.01
C GLY A 25 6.17 -15.60 -5.39
N ASP A 26 6.79 -16.72 -5.74
CA ASP A 26 6.50 -18.00 -5.12
C ASP A 26 7.56 -18.28 -4.07
N ARG A 27 7.15 -18.39 -2.81
CA ARG A 27 8.08 -18.54 -1.71
C ARG A 27 8.87 -19.84 -1.79
N GLU A 28 8.25 -20.88 -2.34
CA GLU A 28 8.86 -22.21 -2.37
C GLU A 28 9.71 -22.41 -3.63
N SER A 29 9.32 -21.78 -4.73
CA SER A 29 10.05 -21.87 -5.98
C SER A 29 11.06 -20.74 -6.13
N ARG A 30 10.87 -19.68 -5.36
CA ARG A 30 11.74 -18.51 -5.40
C ARG A 30 11.66 -17.78 -6.75
N GLU A 31 10.64 -18.13 -7.54
CA GLU A 31 10.43 -17.49 -8.83
C GLU A 31 9.48 -16.31 -8.69
N ALA A 32 9.77 -15.23 -9.40
CA ALA A 32 9.01 -13.99 -9.24
C ALA A 32 8.75 -13.26 -10.55
N VAL A 33 7.75 -12.38 -10.52
CA VAL A 33 7.47 -11.47 -11.63
C VAL A 33 7.30 -10.08 -11.05
N LEU A 34 7.31 -9.06 -11.91
CA LEU A 34 7.26 -7.67 -11.48
C LEU A 34 6.40 -6.86 -12.43
N ILE A 35 5.31 -6.30 -11.92
CA ILE A 35 4.32 -5.60 -12.75
C ILE A 35 4.52 -4.10 -12.70
N ASP A 36 4.64 -3.49 -13.88
CA ASP A 36 4.81 -2.05 -14.03
C ASP A 36 5.92 -1.48 -13.16
N PRO A 37 7.17 -1.93 -13.39
CA PRO A 37 8.33 -1.39 -12.68
C PRO A 37 8.74 -0.05 -13.26
N VAL A 38 9.19 0.86 -12.41
CA VAL A 38 9.59 2.20 -12.85
C VAL A 38 11.11 2.31 -12.89
N LEU A 39 11.62 3.10 -13.83
CA LEU A 39 13.06 3.23 -14.01
C LEU A 39 13.77 3.81 -12.78
N GLU A 40 13.19 4.87 -12.21
CA GLU A 40 13.82 5.57 -11.10
C GLU A 40 13.96 4.68 -9.86
N THR A 41 13.20 3.58 -9.82
CA THR A 41 13.17 2.69 -8.66
C THR A 41 13.56 1.26 -9.02
N ALA A 42 14.16 1.08 -10.19
CA ALA A 42 14.57 -0.26 -10.62
C ALA A 42 15.65 -0.86 -9.69
N PRO A 43 16.72 -0.09 -9.41
CA PRO A 43 17.72 -0.59 -8.46
C PRO A 43 17.12 -1.00 -7.11
N ARG A 44 16.20 -0.19 -6.60
CA ARG A 44 15.49 -0.53 -5.38
C ARG A 44 14.78 -1.87 -5.52
N ASP A 45 14.05 -2.04 -6.63
CA ASP A 45 13.31 -3.27 -6.88
C ASP A 45 14.25 -4.47 -6.95
N ALA A 46 15.35 -4.31 -7.68
CA ALA A 46 16.33 -5.38 -7.83
C ALA A 46 16.94 -5.77 -6.49
N GLN A 47 17.26 -4.77 -5.68
CA GLN A 47 17.84 -5.01 -4.37
C GLN A 47 16.89 -5.80 -3.47
N LEU A 48 15.61 -5.46 -3.54
CA LEU A 48 14.60 -6.14 -2.74
C LEU A 48 14.46 -7.60 -3.18
N ILE A 49 14.54 -7.82 -4.49
CA ILE A 49 14.42 -9.17 -5.05
C ILE A 49 15.55 -10.06 -4.52
N LYS A 50 16.77 -9.54 -4.52
CA LYS A 50 17.92 -10.28 -4.01
C LYS A 50 17.79 -10.51 -2.51
N GLU A 51 17.34 -9.48 -1.79
CA GLU A 51 17.16 -9.57 -0.34
C GLU A 51 16.15 -10.66 0.02
N LEU A 52 15.10 -10.77 -0.78
CA LEU A 52 14.06 -11.78 -0.57
C LEU A 52 14.49 -13.15 -1.08
N GLY A 53 15.60 -13.19 -1.80
CA GLY A 53 16.13 -14.44 -2.32
C GLY A 53 15.30 -14.98 -3.48
N LEU A 54 14.72 -14.06 -4.25
CA LEU A 54 13.88 -14.44 -5.39
C LEU A 54 14.67 -14.33 -6.69
N ARG A 55 14.17 -14.99 -7.72
CA ARG A 55 14.73 -14.88 -9.07
C ARG A 55 13.65 -14.32 -9.99
N LEU A 56 13.88 -13.12 -10.49
CA LEU A 56 12.90 -12.46 -11.35
C LEU A 56 12.90 -13.09 -12.73
N LEU A 57 11.72 -13.58 -13.14
CA LEU A 57 11.57 -14.21 -14.45
C LEU A 57 11.08 -13.20 -15.49
N TYR A 58 10.10 -12.39 -15.11
CA TYR A 58 9.49 -11.45 -16.03
C TYR A 58 9.28 -10.07 -15.43
N ALA A 59 9.71 -9.04 -16.16
CA ALA A 59 9.35 -7.67 -15.86
C ALA A 59 8.20 -7.28 -16.81
N VAL A 60 7.01 -7.14 -16.24
CA VAL A 60 5.78 -7.05 -17.03
C VAL A 60 5.16 -5.67 -16.96
N ASN A 61 4.65 -5.20 -18.09
CA ASN A 61 3.93 -3.93 -18.15
C ASN A 61 2.47 -4.11 -18.55
N THR A 62 1.58 -3.44 -17.83
CA THR A 62 0.15 -3.52 -18.12
C THR A 62 -0.18 -2.83 -19.45
N HIS A 63 0.55 -1.76 -19.74
CA HIS A 63 0.39 -1.03 -21.00
C HIS A 63 1.58 -0.12 -21.24
N CYS A 64 1.54 0.63 -22.33
CA CYS A 64 2.58 1.62 -22.63
C CYS A 64 2.30 2.89 -21.84
N HIS A 65 3.13 3.16 -20.83
CA HIS A 65 2.89 4.27 -19.92
C HIS A 65 3.26 5.62 -20.51
N ALA A 66 2.47 6.64 -20.18
CA ALA A 66 2.71 8.00 -20.64
C ALA A 66 3.18 8.91 -19.51
N ASP A 67 3.22 8.37 -18.29
CA ASP A 67 3.48 9.17 -17.09
C ASP A 67 4.89 8.93 -16.54
N HIS A 68 5.48 7.78 -16.88
CA HIS A 68 6.81 7.44 -16.40
C HIS A 68 7.52 6.54 -17.40
N ILE A 69 8.80 6.27 -17.13
CA ILE A 69 9.58 5.37 -17.96
C ILE A 69 9.74 4.02 -17.29
N THR A 70 9.48 2.96 -18.05
CA THR A 70 9.55 1.60 -17.55
C THR A 70 10.95 1.25 -17.06
N GLY A 71 11.01 0.52 -15.94
CA GLY A 71 12.27 -0.01 -15.43
C GLY A 71 12.56 -1.38 -15.98
N SER A 72 11.68 -1.87 -16.85
CA SER A 72 11.81 -3.20 -17.43
C SER A 72 13.11 -3.34 -18.21
N GLY A 73 13.48 -2.28 -18.92
CA GLY A 73 14.72 -2.26 -19.67
C GLY A 73 15.91 -2.47 -18.77
N LEU A 74 16.07 -1.59 -17.80
CA LEU A 74 17.22 -1.61 -16.89
C LEU A 74 17.28 -2.91 -16.07
N LEU A 75 16.13 -3.48 -15.76
CA LEU A 75 16.07 -4.70 -14.96
C LEU A 75 16.62 -5.92 -15.72
N ARG A 76 16.60 -5.86 -17.05
CA ARG A 76 17.16 -6.94 -17.87
C ARG A 76 18.68 -6.94 -17.76
N SER A 77 19.25 -5.81 -17.36
CA SER A 77 20.68 -5.71 -17.15
C SER A 77 21.03 -6.15 -15.72
N LEU A 78 20.32 -5.58 -14.75
CA LEU A 78 20.61 -5.82 -13.35
C LEU A 78 20.35 -7.27 -12.93
N LEU A 79 19.34 -7.89 -13.53
CA LEU A 79 18.98 -9.27 -13.21
C LEU A 79 18.94 -10.12 -14.46
N PRO A 80 20.13 -10.51 -14.98
CA PRO A 80 20.23 -11.31 -16.21
C PRO A 80 19.38 -12.58 -16.14
N GLY A 81 18.69 -12.89 -17.23
CA GLY A 81 17.82 -14.04 -17.29
C GLY A 81 16.36 -13.64 -17.32
N CYS A 82 16.05 -12.46 -16.79
CA CYS A 82 14.68 -11.97 -16.75
C CYS A 82 14.34 -11.27 -18.08
N GLN A 83 13.08 -11.37 -18.48
CA GLN A 83 12.63 -10.88 -19.78
C GLN A 83 11.50 -9.86 -19.64
N SER A 84 11.50 -8.85 -20.51
CA SER A 84 10.42 -7.87 -20.53
C SER A 84 9.19 -8.46 -21.23
N VAL A 85 8.01 -8.09 -20.75
CA VAL A 85 6.75 -8.60 -21.27
C VAL A 85 5.72 -7.49 -21.38
N ILE A 86 5.13 -7.34 -22.56
CA ILE A 86 4.08 -6.35 -22.79
C ILE A 86 3.12 -6.87 -23.86
N SER A 87 1.93 -6.28 -23.95
CA SER A 87 0.94 -6.73 -24.92
C SER A 87 1.42 -6.47 -26.36
N ARG A 88 1.09 -7.38 -27.26
CA ARG A 88 1.42 -7.22 -28.67
C ARG A 88 0.72 -5.98 -29.22
N LEU A 89 -0.51 -5.76 -28.77
CA LEU A 89 -1.34 -4.68 -29.28
C LEU A 89 -0.84 -3.29 -28.88
N SER A 90 0.09 -3.23 -27.92
CA SER A 90 0.64 -1.96 -27.50
C SER A 90 1.62 -1.42 -28.54
N GLY A 91 2.10 -2.30 -29.42
CA GLY A 91 3.05 -1.92 -30.45
C GLY A 91 4.44 -1.68 -29.89
N ALA A 92 4.62 -1.96 -28.60
CA ALA A 92 5.85 -1.65 -27.90
C ALA A 92 6.86 -2.79 -27.98
N GLN A 93 8.13 -2.44 -27.83
CA GLN A 93 9.22 -3.40 -27.86
C GLN A 93 9.30 -4.19 -26.56
N ALA A 94 9.48 -5.49 -26.66
CA ALA A 94 9.65 -6.35 -25.49
C ALA A 94 10.20 -7.72 -25.92
N ASP A 95 10.76 -8.45 -24.97
CA ASP A 95 11.31 -9.78 -25.25
C ASP A 95 10.20 -10.76 -25.58
N LEU A 96 9.06 -10.60 -24.89
CA LEU A 96 7.90 -11.45 -25.10
C LEU A 96 6.67 -10.58 -25.27
N HIS A 97 5.74 -11.04 -26.10
CA HIS A 97 4.47 -10.35 -26.29
C HIS A 97 3.30 -11.26 -26.00
N ILE A 98 2.23 -10.67 -25.47
CA ILE A 98 1.09 -11.42 -24.99
C ILE A 98 -0.22 -10.87 -25.55
N GLU A 99 -1.28 -11.64 -25.38
CA GLU A 99 -2.61 -11.24 -25.83
C GLU A 99 -3.62 -11.97 -24.95
N ASP A 100 -4.88 -11.60 -25.07
CA ASP A 100 -5.96 -12.21 -24.29
C ASP A 100 -5.86 -13.73 -24.27
N GLY A 101 -5.82 -14.30 -23.07
CA GLY A 101 -5.78 -15.74 -22.90
C GLY A 101 -4.42 -16.28 -22.44
N ASP A 102 -3.37 -15.49 -22.61
CA ASP A 102 -2.02 -15.95 -22.28
C ASP A 102 -1.78 -15.97 -20.78
N SER A 103 -1.05 -17.00 -20.33
CA SER A 103 -0.68 -17.13 -18.93
C SER A 103 0.81 -16.88 -18.76
N ILE A 104 1.16 -16.05 -17.77
CA ILE A 104 2.55 -15.85 -17.40
C ILE A 104 2.82 -16.68 -16.15
N ARG A 105 3.51 -17.80 -16.33
CA ARG A 105 3.75 -18.74 -15.24
C ARG A 105 4.98 -18.38 -14.41
N PHE A 106 4.82 -18.43 -13.10
CA PHE A 106 5.93 -18.34 -12.17
C PHE A 106 5.64 -19.24 -10.97
N GLY A 107 6.44 -20.30 -10.83
CA GLY A 107 6.19 -21.30 -9.81
C GLY A 107 4.82 -21.94 -10.01
N ARG A 108 4.12 -22.17 -8.91
CA ARG A 108 2.79 -22.78 -8.97
C ARG A 108 1.72 -21.75 -9.32
N PHE A 109 2.13 -20.50 -9.51
CA PHE A 109 1.19 -19.41 -9.77
C PHE A 109 1.16 -19.01 -11.24
N ALA A 110 0.10 -18.30 -11.63
CA ALA A 110 -0.11 -17.90 -13.01
C ALA A 110 -0.89 -16.60 -13.09
N LEU A 111 -0.46 -15.71 -13.97
CA LEU A 111 -1.21 -14.49 -14.26
C LEU A 111 -1.98 -14.66 -15.56
N GLU A 112 -3.30 -14.78 -15.48
CA GLU A 112 -4.13 -14.86 -16.66
C GLU A 112 -4.24 -13.47 -17.28
N THR A 113 -3.88 -13.36 -18.55
CA THR A 113 -3.93 -12.10 -19.26
C THR A 113 -5.32 -11.88 -19.84
N ARG A 114 -5.97 -10.80 -19.43
CA ARG A 114 -7.26 -10.41 -20.00
C ARG A 114 -7.10 -9.07 -20.70
N ALA A 115 -7.27 -9.09 -22.02
CA ALA A 115 -7.20 -7.87 -22.82
C ALA A 115 -8.27 -6.89 -22.36
N SER A 116 -7.84 -5.75 -21.84
CA SER A 116 -8.75 -4.75 -21.30
C SER A 116 -8.44 -3.37 -21.88
N PRO A 117 -8.50 -3.25 -23.21
CA PRO A 117 -8.18 -1.99 -23.90
C PRO A 117 -9.17 -0.88 -23.56
N GLY A 118 -8.83 0.35 -23.93
CA GLY A 118 -9.67 1.50 -23.68
C GLY A 118 -8.83 2.73 -23.40
N HIS A 119 -8.11 2.68 -22.28
CA HIS A 119 -7.16 3.73 -21.92
C HIS A 119 -6.05 3.77 -22.97
N THR A 120 -5.61 2.58 -23.40
CA THR A 120 -4.81 2.42 -24.61
C THR A 120 -5.23 1.12 -25.27
N PRO A 121 -4.93 0.95 -26.57
CA PRO A 121 -5.24 -0.32 -27.23
C PRO A 121 -4.49 -1.53 -26.64
N GLY A 122 -3.36 -1.28 -25.97
CA GLY A 122 -2.51 -2.35 -25.49
C GLY A 122 -2.69 -2.70 -24.03
N CYS A 123 -3.69 -2.12 -23.38
CA CYS A 123 -3.94 -2.38 -21.97
C CYS A 123 -4.41 -3.79 -21.72
N VAL A 124 -3.85 -4.42 -20.69
CA VAL A 124 -4.30 -5.74 -20.24
C VAL A 124 -4.42 -5.75 -18.73
N THR A 125 -5.27 -6.65 -18.23
CA THR A 125 -5.43 -6.87 -16.81
C THR A 125 -4.88 -8.24 -16.45
N PHE A 126 -3.98 -8.29 -15.48
CA PHE A 126 -3.41 -9.55 -15.03
C PHE A 126 -4.20 -10.10 -13.85
N VAL A 127 -4.83 -11.25 -14.07
CA VAL A 127 -5.64 -11.89 -13.05
C VAL A 127 -4.90 -13.11 -12.52
N LEU A 128 -4.74 -13.17 -11.21
CA LEU A 128 -4.10 -14.32 -10.58
C LEU A 128 -4.99 -15.55 -10.80
N ASN A 129 -4.37 -16.69 -11.07
CA ASN A 129 -5.11 -17.93 -11.33
C ASN A 129 -6.13 -18.21 -10.22
N ASP A 130 -5.74 -17.81 -9.01
CA ASP A 130 -6.60 -17.89 -7.84
C ASP A 130 -7.93 -17.15 -8.03
N HIS A 131 -7.90 -16.12 -8.87
CA HIS A 131 -8.99 -15.15 -9.03
C HIS A 131 -9.22 -14.33 -7.75
N SER A 132 -8.17 -14.20 -6.95
CA SER A 132 -8.23 -13.38 -5.73
C SER A 132 -7.64 -12.00 -5.94
N MET A 133 -6.85 -11.84 -7.00
CA MET A 133 -6.22 -10.57 -7.32
C MET A 133 -6.33 -10.24 -8.80
N ALA A 134 -6.49 -8.96 -9.11
CA ALA A 134 -6.42 -8.48 -10.49
C ALA A 134 -5.65 -7.17 -10.53
N PHE A 135 -4.61 -7.14 -11.36
CA PHE A 135 -3.82 -5.94 -11.57
C PHE A 135 -4.30 -5.28 -12.85
N THR A 136 -4.99 -4.16 -12.69
CA THR A 136 -5.89 -3.64 -13.71
C THR A 136 -5.29 -2.53 -14.58
N GLY A 137 -4.03 -2.20 -14.34
CA GLY A 137 -3.40 -1.12 -15.09
C GLY A 137 -4.14 0.19 -14.87
N ASP A 138 -4.33 0.95 -15.95
CA ASP A 138 -5.09 2.19 -15.91
C ASP A 138 -6.48 1.98 -16.50
N ALA A 139 -6.87 0.73 -16.71
CA ALA A 139 -8.22 0.42 -17.14
C ALA A 139 -9.18 0.80 -16.02
N LEU A 140 -9.05 0.11 -14.89
CA LEU A 140 -9.86 0.40 -13.71
C LEU A 140 -9.00 0.94 -12.57
N LEU A 141 -9.27 2.19 -12.18
CA LEU A 141 -8.63 2.78 -11.02
C LEU A 141 -9.60 2.70 -9.84
N ILE A 142 -9.11 3.01 -8.64
CA ILE A 142 -9.96 2.98 -7.46
C ILE A 142 -10.93 4.15 -7.50
N ARG A 143 -12.21 3.83 -7.68
CA ARG A 143 -13.27 4.82 -7.80
C ARG A 143 -13.11 5.72 -9.02
N GLY A 144 -12.49 5.18 -10.07
CA GLY A 144 -12.32 5.92 -11.31
C GLY A 144 -11.79 5.05 -12.42
N CYS A 145 -11.07 5.67 -13.35
CA CYS A 145 -10.41 4.95 -14.43
C CYS A 145 -9.40 5.86 -15.12
N GLY A 146 -8.65 5.30 -16.06
CA GLY A 146 -7.68 6.07 -16.81
C GLY A 146 -8.36 6.95 -17.84
N ARG A 147 -7.71 8.07 -18.15
CA ARG A 147 -8.21 8.97 -19.19
C ARG A 147 -8.15 8.27 -20.55
N THR A 148 -9.05 8.66 -21.45
CA THR A 148 -9.20 8.00 -22.73
C THR A 148 -9.05 8.97 -23.91
N ASP A 149 -8.38 10.09 -23.67
CA ASP A 149 -8.26 11.13 -24.69
C ASP A 149 -6.91 11.12 -25.41
N PHE A 150 -5.99 10.29 -24.94
CA PHE A 150 -4.68 10.15 -25.58
C PHE A 150 -4.30 8.69 -25.79
N GLN A 151 -3.21 8.48 -26.51
CA GLN A 151 -2.72 7.13 -26.84
C GLN A 151 -3.78 6.31 -27.58
N GLN A 152 -4.50 6.97 -28.48
CA GLN A 152 -5.52 6.31 -29.29
C GLN A 152 -6.56 5.60 -28.43
N GLY A 153 -6.92 6.23 -27.31
CA GLY A 153 -7.86 5.65 -26.38
C GLY A 153 -9.30 5.80 -26.84
N CYS A 154 -10.15 4.89 -26.37
CA CYS A 154 -11.57 4.92 -26.72
C CYS A 154 -12.40 4.60 -25.48
N ALA A 155 -13.30 5.51 -25.12
CA ALA A 155 -14.11 5.38 -23.92
C ALA A 155 -15.06 4.19 -24.02
N LYS A 156 -15.69 4.01 -25.18
CA LYS A 156 -16.67 2.94 -25.37
C LYS A 156 -16.01 1.58 -25.20
N THR A 157 -14.75 1.47 -25.61
CA THR A 157 -14.01 0.24 -25.46
C THR A 157 -13.65 0.02 -23.99
N LEU A 158 -13.25 1.08 -23.30
CA LEU A 158 -12.86 1.00 -21.90
C LEU A 158 -14.02 0.49 -21.05
N TYR A 159 -15.20 1.08 -21.24
CA TYR A 159 -16.40 0.67 -20.53
C TYR A 159 -16.65 -0.83 -20.73
N HIS A 160 -16.57 -1.29 -21.97
CA HIS A 160 -16.81 -2.69 -22.28
C HIS A 160 -15.76 -3.60 -21.68
N SER A 161 -14.50 -3.20 -21.78
CA SER A 161 -13.40 -3.97 -21.22
C SER A 161 -13.63 -4.30 -19.75
N VAL A 162 -13.84 -3.25 -18.95
CA VAL A 162 -14.03 -3.42 -17.51
C VAL A 162 -15.26 -4.29 -17.20
N HIS A 163 -16.38 -3.99 -17.84
CA HIS A 163 -17.63 -4.68 -17.54
C HIS A 163 -17.58 -6.16 -17.93
N GLU A 164 -16.78 -6.48 -18.95
CA GLU A 164 -16.72 -7.85 -19.46
C GLU A 164 -15.57 -8.65 -18.85
N LYS A 165 -14.46 -7.98 -18.56
CA LYS A 165 -13.24 -8.67 -18.13
C LYS A 165 -12.96 -8.51 -16.63
N ILE A 166 -13.39 -7.39 -16.05
CA ILE A 166 -13.10 -7.10 -14.65
C ILE A 166 -14.31 -7.34 -13.75
N PHE A 167 -15.43 -6.68 -14.04
CA PHE A 167 -16.63 -6.81 -13.21
C PHE A 167 -17.22 -8.22 -13.23
N THR A 168 -16.72 -9.07 -14.12
CA THR A 168 -17.16 -10.46 -14.18
C THR A 168 -16.39 -11.34 -13.19
N LEU A 169 -15.33 -10.79 -12.60
CA LEU A 169 -14.58 -11.51 -11.59
C LEU A 169 -15.41 -11.58 -10.32
N PRO A 170 -15.06 -12.51 -9.41
CA PRO A 170 -15.76 -12.60 -8.12
C PRO A 170 -15.72 -11.27 -7.38
N GLY A 171 -16.79 -10.96 -6.66
CA GLY A 171 -16.93 -9.69 -5.99
C GLY A 171 -15.81 -9.38 -5.01
N ASP A 172 -15.27 -10.42 -4.37
CA ASP A 172 -14.24 -10.24 -3.35
C ASP A 172 -12.84 -10.21 -3.94
N CYS A 173 -12.73 -10.32 -5.27
CA CYS A 173 -11.43 -10.23 -5.92
C CYS A 173 -10.84 -8.83 -5.70
N LEU A 174 -9.58 -8.79 -5.31
CA LEU A 174 -8.92 -7.52 -5.05
C LEU A 174 -8.58 -6.79 -6.34
N ILE A 175 -8.61 -5.46 -6.27
CA ILE A 175 -8.23 -4.62 -7.39
C ILE A 175 -6.98 -3.82 -7.03
N TYR A 176 -5.92 -4.03 -7.81
CA TYR A 176 -4.66 -3.34 -7.61
C TYR A 176 -4.31 -2.53 -8.85
N PRO A 177 -4.60 -1.22 -8.83
CA PRO A 177 -4.40 -0.40 -10.03
C PRO A 177 -2.93 -0.03 -10.24
N ALA A 178 -2.62 0.61 -11.37
CA ALA A 178 -1.27 1.04 -11.67
C ALA A 178 -1.01 2.44 -11.08
N HIS A 179 -2.09 3.15 -10.76
CA HIS A 179 -1.97 4.46 -10.12
C HIS A 179 -3.06 4.68 -9.08
N ASP A 180 -2.78 5.59 -8.15
CA ASP A 180 -3.81 6.16 -7.28
C ASP A 180 -3.35 7.52 -6.81
N TYR A 181 -4.26 8.50 -6.88
CA TYR A 181 -3.91 9.89 -6.62
C TYR A 181 -4.62 10.41 -5.37
N HIS A 182 -5.14 9.51 -4.55
CA HIS A 182 -5.97 9.89 -3.40
C HIS A 182 -5.68 9.09 -2.13
N GLY A 183 -4.53 8.44 -2.08
CA GLY A 183 -4.08 7.79 -0.86
C GLY A 183 -4.62 6.39 -0.65
N PHE A 184 -5.26 5.80 -1.66
CA PHE A 184 -5.71 4.42 -1.57
C PHE A 184 -4.66 3.49 -2.17
N THR A 185 -4.75 2.21 -1.82
CA THR A 185 -3.79 1.22 -2.29
C THR A 185 -4.48 -0.01 -2.87
N VAL A 186 -5.70 -0.28 -2.41
CA VAL A 186 -6.44 -1.46 -2.87
C VAL A 186 -7.94 -1.19 -2.89
N SER A 187 -8.64 -1.95 -3.73
CA SER A 187 -10.10 -1.94 -3.78
C SER A 187 -10.57 -3.35 -4.10
N THR A 188 -11.85 -3.51 -4.35
CA THR A 188 -12.40 -4.82 -4.73
C THR A 188 -13.36 -4.68 -5.90
N VAL A 189 -13.65 -5.81 -6.53
CA VAL A 189 -14.57 -5.84 -7.67
C VAL A 189 -15.95 -5.39 -7.23
N GLU A 190 -16.41 -5.90 -6.08
CA GLU A 190 -17.71 -5.52 -5.52
C GLU A 190 -17.87 -4.01 -5.41
N GLU A 191 -16.88 -3.36 -4.81
CA GLU A 191 -16.91 -1.92 -4.60
C GLU A 191 -17.05 -1.15 -5.90
N GLU A 192 -16.15 -1.41 -6.85
CA GLU A 192 -16.14 -0.68 -8.12
C GLU A 192 -17.41 -0.94 -8.91
N ARG A 193 -17.94 -2.15 -8.81
CA ARG A 193 -19.17 -2.53 -9.50
C ARG A 193 -20.35 -1.68 -9.04
N THR A 194 -20.28 -1.23 -7.79
CA THR A 194 -21.39 -0.56 -7.14
C THR A 194 -21.13 0.92 -6.92
N LEU A 195 -19.85 1.28 -6.74
CA LEU A 195 -19.49 2.61 -6.22
C LEU A 195 -18.69 3.46 -7.19
N ASN A 196 -18.06 2.86 -8.19
CA ASN A 196 -17.28 3.63 -9.16
C ASN A 196 -18.19 4.65 -9.85
N PRO A 197 -18.02 5.95 -9.54
CA PRO A 197 -18.98 6.94 -10.04
C PRO A 197 -19.09 7.00 -11.56
N ARG A 198 -18.01 6.64 -12.26
CA ARG A 198 -18.01 6.67 -13.72
C ARG A 198 -18.61 5.40 -14.33
N LEU A 199 -18.06 4.25 -13.95
CA LEU A 199 -18.35 2.99 -14.63
C LEU A 199 -19.69 2.38 -14.25
N THR A 200 -20.36 2.96 -13.26
CA THR A 200 -21.70 2.52 -12.88
C THR A 200 -22.74 3.25 -13.73
N LEU A 201 -22.29 4.23 -14.49
CA LEU A 201 -23.16 4.95 -15.41
C LEU A 201 -23.48 4.09 -16.62
N SER A 202 -24.45 4.54 -17.41
CA SER A 202 -24.74 3.94 -18.70
C SER A 202 -23.49 4.08 -19.57
N CYS A 203 -23.28 3.14 -20.47
CA CYS A 203 -22.16 3.22 -21.41
C CYS A 203 -22.20 4.55 -22.15
N GLU A 204 -23.39 4.92 -22.61
CA GLU A 204 -23.58 6.15 -23.35
C GLU A 204 -23.21 7.37 -22.51
N GLU A 205 -23.70 7.40 -21.27
CA GLU A 205 -23.35 8.45 -20.32
C GLU A 205 -21.84 8.50 -20.11
N PHE A 206 -21.24 7.33 -19.92
CA PHE A 206 -19.81 7.23 -19.68
C PHE A 206 -19.00 7.80 -20.84
N VAL A 207 -19.42 7.51 -22.06
CA VAL A 207 -18.72 8.01 -23.25
C VAL A 207 -18.76 9.53 -23.32
N LYS A 208 -19.84 10.13 -22.80
CA LYS A 208 -19.97 11.58 -22.83
C LYS A 208 -18.99 12.26 -21.88
N ILE A 209 -19.07 11.92 -20.60
CA ILE A 209 -18.33 12.62 -19.56
C ILE A 209 -16.82 12.50 -19.71
N MET A 210 -16.36 11.37 -20.23
CA MET A 210 -14.92 11.13 -20.38
C MET A 210 -14.29 12.13 -21.36
N GLY A 211 -15.11 12.66 -22.26
CA GLY A 211 -14.64 13.66 -23.21
C GLY A 211 -14.78 15.08 -22.67
N ASN A 212 -15.58 15.25 -21.63
CA ASN A 212 -15.87 16.57 -21.09
C ASN A 212 -14.80 17.09 -20.13
N LEU A 213 -13.92 16.20 -19.69
CA LEU A 213 -12.95 16.52 -18.63
C LEU A 213 -12.06 17.70 -19.01
N ASN A 214 -11.76 17.86 -20.29
CA ASN A 214 -10.92 18.94 -20.80
C ASN A 214 -9.66 19.16 -19.97
N LEU A 215 -8.92 18.07 -19.73
CA LEU A 215 -7.70 18.13 -18.94
C LEU A 215 -6.48 18.34 -19.83
N PRO A 216 -5.36 18.81 -19.25
CA PRO A 216 -4.14 19.01 -20.03
C PRO A 216 -3.36 17.72 -20.16
N LYS A 217 -2.76 17.49 -21.32
CA LYS A 217 -1.97 16.28 -21.55
C LYS A 217 -0.83 16.23 -20.53
N PRO A 218 -0.50 15.03 -20.03
CA PRO A 218 0.57 14.93 -19.03
C PRO A 218 1.91 15.41 -19.56
N GLN A 219 2.72 16.00 -18.69
CA GLN A 219 3.97 16.64 -19.08
C GLN A 219 5.01 15.65 -19.61
N GLN A 220 4.96 14.43 -19.10
CA GLN A 220 6.01 13.44 -19.36
C GLN A 220 5.75 12.62 -20.62
N ILE A 221 4.59 12.82 -21.24
CA ILE A 221 4.14 11.94 -22.33
C ILE A 221 5.03 11.95 -23.58
N ASP A 222 5.52 13.12 -23.97
CA ASP A 222 6.33 13.23 -25.18
C ASP A 222 7.68 12.53 -25.03
N PHE A 223 8.01 12.15 -23.80
CA PHE A 223 9.29 11.50 -23.51
C PHE A 223 9.08 10.07 -23.02
N ALA A 224 7.96 9.83 -22.33
CA ALA A 224 7.69 8.51 -21.76
C ALA A 224 7.31 7.49 -22.83
N VAL A 225 6.36 7.85 -23.67
CA VAL A 225 5.80 6.91 -24.64
C VAL A 225 6.87 6.43 -25.63
N PRO A 226 7.66 7.35 -26.20
CA PRO A 226 8.70 6.87 -27.12
C PRO A 226 9.71 5.95 -26.43
N ALA A 227 10.12 6.30 -25.22
CA ALA A 227 11.07 5.49 -24.46
C ALA A 227 10.46 4.13 -24.11
N ASN A 228 9.18 4.14 -23.76
CA ASN A 228 8.50 2.90 -23.37
C ASN A 228 8.19 2.01 -24.58
N MET A 229 8.07 2.63 -25.75
CA MET A 229 7.87 1.86 -26.98
C MET A 229 9.13 1.06 -27.34
N ARG A 230 10.26 1.46 -26.77
CA ARG A 230 11.54 0.81 -27.03
C ARG A 230 12.18 0.28 -25.75
N GLY A 232 12.42 1.23 -22.67
CA GLY A 232 13.07 2.13 -21.73
C GLY A 232 14.18 2.99 -22.31
N VAL A 233 14.62 2.69 -23.52
CA VAL A 233 15.72 3.44 -24.13
C VAL A 233 15.28 4.85 -24.52
N GLN A 234 15.94 5.84 -23.94
CA GLN A 234 15.57 7.24 -24.13
C GLN A 234 16.42 7.91 -25.20
N THR A 235 15.80 8.76 -26.01
CA THR A 235 16.47 9.50 -27.08
C THR A 235 17.29 8.57 -27.98
N GLY B 1 -11.08 -19.67 -2.02
CA GLY B 1 -12.18 -20.16 -1.20
C GLY B 1 -11.72 -20.68 0.16
N PRO B 2 -11.02 -19.83 0.94
CA PRO B 2 -10.65 -20.24 2.29
C PRO B 2 -11.87 -20.34 3.21
N VAL B 3 -11.86 -21.30 4.12
CA VAL B 3 -13.00 -21.58 4.99
C VAL B 3 -13.46 -20.34 5.75
N ASP B 4 -12.52 -19.66 6.40
CA ASP B 4 -12.84 -18.49 7.21
C ASP B 4 -12.81 -17.21 6.39
N ALA B 5 -13.77 -16.33 6.66
CA ALA B 5 -13.80 -15.00 6.04
C ALA B 5 -12.52 -14.25 6.39
N PRO B 6 -11.68 -13.95 5.39
CA PRO B 6 -10.43 -13.23 5.71
C PRO B 6 -10.71 -11.86 6.30
N ILE B 7 -9.81 -11.38 7.15
CA ILE B 7 -9.94 -10.05 7.72
C ILE B 7 -9.88 -9.03 6.60
N LEU B 8 -10.66 -7.96 6.74
CA LEU B 8 -10.58 -6.85 5.80
C LEU B 8 -9.47 -5.92 6.25
N LEU B 9 -8.54 -5.61 5.34
CA LEU B 9 -7.46 -4.68 5.64
C LEU B 9 -7.27 -3.71 4.48
N ARG B 10 -7.31 -2.42 4.82
CA ARG B 10 -7.08 -1.36 3.85
C ARG B 10 -6.00 -0.41 4.37
N GLN B 11 -4.98 -0.20 3.56
CA GLN B 11 -3.87 0.67 3.91
C GLN B 11 -3.98 1.96 3.12
N MET B 12 -4.13 3.08 3.81
CA MET B 12 -4.16 4.39 3.17
C MET B 12 -2.83 5.10 3.35
N PHE B 13 -2.60 6.14 2.55
CA PHE B 13 -1.32 6.84 2.55
C PHE B 13 -1.51 8.35 2.40
N GLU B 14 -1.00 9.11 3.37
CA GLU B 14 -0.99 10.56 3.30
C GLU B 14 0.37 11.00 2.76
N PRO B 15 0.42 11.47 1.49
CA PRO B 15 1.71 11.66 0.83
C PRO B 15 2.63 12.70 1.47
N VAL B 16 2.06 13.71 2.10
CA VAL B 16 2.85 14.81 2.65
C VAL B 16 3.66 14.33 3.85
N SER B 17 2.97 13.82 4.87
CA SER B 17 3.63 13.29 6.05
C SER B 17 4.12 11.86 5.83
N CYS B 18 3.76 11.27 4.70
CA CYS B 18 4.09 9.89 4.39
C CYS B 18 3.54 8.94 5.45
N THR B 19 2.38 9.29 6.00
CA THR B 19 1.77 8.50 7.07
C THR B 19 0.86 7.41 6.52
N PHE B 20 0.95 6.21 7.11
CA PHE B 20 0.04 5.12 6.79
C PHE B 20 -1.09 5.05 7.82
N THR B 21 -2.32 4.99 7.33
CA THR B 21 -3.49 4.72 8.17
C THR B 21 -3.98 3.33 7.83
N TYR B 22 -4.40 2.56 8.84
CA TYR B 22 -4.84 1.18 8.63
C TYR B 22 -6.26 0.95 9.11
N LEU B 23 -7.09 0.44 8.20
CA LEU B 23 -8.47 0.06 8.51
C LEU B 23 -8.59 -1.45 8.60
N LEU B 24 -8.87 -1.96 9.79
CA LEU B 24 -9.09 -3.39 10.00
C LEU B 24 -10.57 -3.63 10.30
N GLY B 25 -11.12 -4.70 9.73
CA GLY B 25 -12.53 -5.00 9.93
C GLY B 25 -12.89 -6.47 9.84
N ASP B 26 -13.89 -6.87 10.62
CA ASP B 26 -14.49 -8.20 10.50
C ASP B 26 -15.56 -8.12 9.41
N ARG B 27 -15.35 -8.88 8.35
CA ARG B 27 -16.21 -8.84 7.18
C ARG B 27 -17.64 -9.30 7.51
N GLU B 28 -17.76 -10.19 8.48
CA GLU B 28 -19.05 -10.80 8.79
C GLU B 28 -19.86 -10.00 9.81
N SER B 29 -19.22 -9.54 10.88
CA SER B 29 -19.91 -8.76 11.91
C SER B 29 -19.88 -7.26 11.58
N ARG B 30 -19.10 -6.91 10.55
CA ARG B 30 -19.06 -5.55 10.03
C ARG B 30 -18.51 -4.54 11.05
N GLU B 31 -17.77 -5.02 12.04
CA GLU B 31 -17.13 -4.15 13.02
C GLU B 31 -15.70 -3.84 12.58
N ALA B 32 -15.22 -2.65 12.91
CA ALA B 32 -13.92 -2.19 12.41
C ALA B 32 -13.11 -1.37 13.41
N VAL B 33 -11.83 -1.19 13.09
CA VAL B 33 -10.90 -0.40 13.89
C VAL B 33 -10.02 0.40 12.92
N LEU B 34 -9.60 1.58 13.34
CA LEU B 34 -8.80 2.46 12.48
C LEU B 34 -7.54 2.93 13.20
N ILE B 35 -6.39 2.59 12.64
CA ILE B 35 -5.10 2.88 13.27
C ILE B 35 -4.42 4.10 12.65
N ASP B 36 -3.97 5.00 13.51
CA ASP B 36 -3.28 6.22 13.10
C ASP B 36 -3.98 6.97 11.97
N PRO B 37 -5.22 7.41 12.21
CA PRO B 37 -5.95 8.22 11.23
C PRO B 37 -5.45 9.67 11.22
N VAL B 38 -5.35 10.26 10.04
CA VAL B 38 -4.92 11.65 9.91
C VAL B 38 -6.14 12.56 9.79
N LEU B 39 -6.03 13.75 10.36
CA LEU B 39 -7.14 14.70 10.41
C LEU B 39 -7.62 15.10 9.03
N GLU B 40 -6.67 15.44 8.16
CA GLU B 40 -6.98 15.95 6.83
C GLU B 40 -7.77 14.96 5.98
N THR B 41 -7.55 13.66 6.24
CA THR B 41 -8.20 12.59 5.47
C THR B 41 -9.24 11.84 6.29
N ALA B 42 -9.65 12.41 7.41
CA ALA B 42 -10.67 11.80 8.26
C ALA B 42 -12.00 11.56 7.53
N PRO B 43 -12.52 12.59 6.85
CA PRO B 43 -13.79 12.38 6.14
C PRO B 43 -13.68 11.34 5.03
N ARG B 44 -12.53 11.27 4.38
CA ARG B 44 -12.28 10.24 3.38
C ARG B 44 -12.37 8.87 4.04
N ASP B 45 -11.73 8.72 5.19
CA ASP B 45 -11.76 7.46 5.94
C ASP B 45 -13.20 7.08 6.27
N ALA B 46 -13.94 8.02 6.85
CA ALA B 46 -15.32 7.78 7.25
C ALA B 46 -16.19 7.37 6.06
N GLN B 47 -15.93 7.95 4.89
CA GLN B 47 -16.72 7.65 3.71
C GLN B 47 -16.52 6.20 3.27
N LEU B 48 -15.27 5.73 3.35
CA LEU B 48 -14.95 4.37 2.96
C LEU B 48 -15.61 3.37 3.90
N ILE B 49 -15.59 3.69 5.19
CA ILE B 49 -16.19 2.83 6.20
C ILE B 49 -17.68 2.64 5.95
N LYS B 50 -18.38 3.73 5.62
CA LYS B 50 -19.80 3.66 5.30
C LYS B 50 -20.03 2.89 4.00
N GLU B 51 -19.15 3.10 3.03
CA GLU B 51 -19.26 2.42 1.74
C GLU B 51 -19.03 0.93 1.88
N LEU B 52 -18.21 0.53 2.84
CA LEU B 52 -17.90 -0.88 3.06
C LEU B 52 -18.92 -1.53 4.00
N GLY B 53 -19.85 -0.74 4.52
CA GLY B 53 -20.88 -1.26 5.38
C GLY B 53 -20.33 -1.64 6.75
N LEU B 54 -19.26 -0.95 7.16
CA LEU B 54 -18.61 -1.24 8.43
C LEU B 54 -19.01 -0.25 9.52
N ARG B 55 -18.86 -0.67 10.77
CA ARG B 55 -19.09 0.20 11.93
C ARG B 55 -17.78 0.36 12.69
N LEU B 56 -17.35 1.61 12.87
CA LEU B 56 -16.06 1.89 13.49
C LEU B 56 -16.16 1.93 15.00
N LEU B 57 -15.57 0.93 15.65
CA LEU B 57 -15.61 0.82 17.10
C LEU B 57 -14.54 1.67 17.78
N TYR B 58 -13.33 1.67 17.22
CA TYR B 58 -12.22 2.39 17.82
C TYR B 58 -11.37 3.12 16.78
N ALA B 59 -10.93 4.32 17.15
CA ALA B 59 -9.92 5.06 16.38
C ALA B 59 -8.67 5.12 17.23
N VAL B 60 -7.66 4.36 16.83
CA VAL B 60 -6.50 4.11 17.68
C VAL B 60 -5.24 4.76 17.12
N ASN B 61 -4.37 5.22 18.03
CA ASN B 61 -3.07 5.78 17.65
C ASN B 61 -1.93 4.99 18.29
N THR B 62 -0.94 4.62 17.48
CA THR B 62 0.22 3.90 17.99
C THR B 62 0.97 4.76 18.99
N HIS B 63 1.00 6.06 18.74
CA HIS B 63 1.65 7.00 19.65
C HIS B 63 1.18 8.43 19.41
N CYS B 64 1.71 9.35 20.21
CA CYS B 64 1.47 10.77 20.01
C CYS B 64 2.37 11.25 18.88
N HIS B 65 1.77 11.60 17.75
CA HIS B 65 2.53 11.93 16.55
C HIS B 65 3.03 13.36 16.58
N ALA B 66 4.06 13.63 15.79
CA ALA B 66 4.69 14.95 15.74
C ALA B 66 4.82 15.45 14.30
N ASP B 67 4.19 14.73 13.37
CA ASP B 67 4.33 15.03 11.94
C ASP B 67 2.97 15.35 11.30
N HIS B 68 1.90 15.07 12.03
CA HIS B 68 0.54 15.29 11.54
C HIS B 68 -0.42 15.32 12.72
N ILE B 69 -1.61 15.86 12.50
CA ILE B 69 -2.64 15.87 13.53
C ILE B 69 -3.51 14.62 13.39
N THR B 70 -3.84 14.01 14.53
CA THR B 70 -4.67 12.82 14.54
C THR B 70 -6.11 13.15 14.13
N GLY B 71 -6.74 12.23 13.40
CA GLY B 71 -8.12 12.36 13.01
C GLY B 71 -9.05 11.61 13.96
N SER B 72 -8.47 11.02 14.99
CA SER B 72 -9.23 10.20 15.93
C SER B 72 -10.31 11.00 16.65
N GLY B 73 -10.02 12.27 16.92
CA GLY B 73 -10.97 13.13 17.61
C GLY B 73 -12.12 13.53 16.72
N LEU B 74 -11.82 13.83 15.46
CA LEU B 74 -12.83 14.21 14.50
C LEU B 74 -13.75 13.04 14.20
N LEU B 75 -13.18 11.84 14.14
CA LEU B 75 -13.93 10.64 13.81
C LEU B 75 -14.99 10.29 14.86
N ARG B 76 -14.81 10.80 16.08
CA ARG B 76 -15.77 10.56 17.15
C ARG B 76 -17.14 11.18 16.82
N SER B 77 -17.12 12.23 16.00
CA SER B 77 -18.35 12.91 15.59
C SER B 77 -18.82 12.41 14.23
N LEU B 78 -17.87 12.16 13.33
CA LEU B 78 -18.19 11.70 11.98
C LEU B 78 -18.78 10.29 11.99
N LEU B 79 -18.47 9.53 13.03
CA LEU B 79 -18.94 8.16 13.17
C LEU B 79 -19.38 7.91 14.61
N PRO B 80 -20.61 8.33 14.96
CA PRO B 80 -21.14 8.19 16.31
C PRO B 80 -21.03 6.77 16.86
N GLY B 81 -20.48 6.63 18.06
CA GLY B 81 -20.23 5.34 18.67
C GLY B 81 -18.75 5.04 18.71
N CYS B 82 -18.01 5.63 17.77
CA CYS B 82 -16.56 5.49 17.71
C CYS B 82 -15.91 6.02 18.99
N GLN B 83 -14.84 5.36 19.42
CA GLN B 83 -14.10 5.77 20.61
C GLN B 83 -12.63 5.92 20.28
N SER B 84 -12.01 6.99 20.79
CA SER B 84 -10.58 7.22 20.57
C SER B 84 -9.76 6.45 21.58
N VAL B 85 -8.64 5.90 21.13
CA VAL B 85 -7.78 5.07 21.98
C VAL B 85 -6.31 5.41 21.77
N ILE B 86 -5.57 5.46 22.87
CA ILE B 86 -4.14 5.73 22.81
C ILE B 86 -3.49 5.21 24.09
N SER B 87 -2.17 5.05 24.08
CA SER B 87 -1.46 4.52 25.24
C SER B 87 -1.60 5.47 26.42
N ARG B 88 -1.63 4.90 27.61
CA ARG B 88 -1.67 5.67 28.85
C ARG B 88 -0.35 6.44 29.02
N LEU B 89 0.74 5.83 28.58
CA LEU B 89 2.07 6.43 28.76
C LEU B 89 2.34 7.59 27.81
N SER B 90 1.46 7.81 26.85
CA SER B 90 1.58 8.96 25.96
C SER B 90 1.17 10.23 26.70
N GLY B 91 0.33 10.06 27.72
CA GLY B 91 -0.19 11.18 28.48
C GLY B 91 -1.17 12.02 27.69
N ALA B 92 -1.59 11.50 26.53
CA ALA B 92 -2.49 12.21 25.63
C ALA B 92 -3.95 11.84 25.92
N GLN B 93 -4.85 12.78 25.65
CA GLN B 93 -6.27 12.59 25.92
C GLN B 93 -6.91 11.64 24.90
N ALA B 94 -7.83 10.82 25.40
CA ALA B 94 -8.60 9.91 24.55
C ALA B 94 -9.72 9.31 25.37
N ASP B 95 -10.70 8.71 24.70
CA ASP B 95 -11.83 8.09 25.37
C ASP B 95 -11.37 6.92 26.23
N LEU B 96 -10.47 6.11 25.68
CA LEU B 96 -9.95 4.93 26.35
C LEU B 96 -8.44 4.93 26.32
N HIS B 97 -7.83 4.36 27.35
CA HIS B 97 -6.38 4.24 27.41
C HIS B 97 -5.96 2.79 27.63
N ILE B 98 -4.89 2.42 26.95
CA ILE B 98 -4.39 1.06 26.97
C ILE B 98 -2.95 1.03 27.47
N GLU B 99 -2.50 -0.16 27.84
CA GLU B 99 -1.11 -0.38 28.19
C GLU B 99 -0.74 -1.78 27.72
N ASP B 100 0.50 -2.19 28.01
CA ASP B 100 0.98 -3.49 27.57
C ASP B 100 0.06 -4.60 28.06
N GLY B 101 -0.30 -5.50 27.15
CA GLY B 101 -1.14 -6.63 27.48
C GLY B 101 -2.62 -6.43 27.21
N ASP B 102 -3.00 -5.19 26.87
CA ASP B 102 -4.41 -4.89 26.59
C ASP B 102 -4.83 -5.33 25.19
N SER B 103 -6.11 -5.66 25.05
CA SER B 103 -6.64 -6.25 23.83
C SER B 103 -7.83 -5.45 23.29
N ILE B 104 -7.71 -5.01 22.03
CA ILE B 104 -8.78 -4.28 21.35
C ILE B 104 -9.58 -5.25 20.50
N ARG B 105 -10.77 -5.62 20.96
CA ARG B 105 -11.58 -6.64 20.28
C ARG B 105 -12.52 -6.02 19.26
N PHE B 106 -12.53 -6.60 18.06
CA PHE B 106 -13.48 -6.22 17.02
C PHE B 106 -13.87 -7.45 16.22
N GLY B 107 -15.17 -7.78 16.24
CA GLY B 107 -15.64 -9.00 15.62
C GLY B 107 -15.02 -10.20 16.28
N ARG B 108 -14.46 -11.10 15.47
CA ARG B 108 -13.79 -12.29 15.97
C ARG B 108 -12.29 -12.05 16.11
N PHE B 109 -11.87 -10.79 15.96
CA PHE B 109 -10.46 -10.44 15.95
C PHE B 109 -10.09 -9.62 17.17
N ALA B 110 -8.78 -9.44 17.37
CA ALA B 110 -8.28 -8.63 18.46
C ALA B 110 -6.87 -8.14 18.17
N LEU B 111 -6.60 -6.87 18.49
CA LEU B 111 -5.25 -6.33 18.41
C LEU B 111 -4.63 -6.35 19.80
N GLU B 112 -3.55 -7.12 19.93
CA GLU B 112 -2.86 -7.25 21.21
C GLU B 112 -1.87 -6.10 21.36
N THR B 113 -1.93 -5.42 22.51
CA THR B 113 -1.07 -4.28 22.77
C THR B 113 0.27 -4.73 23.34
N ARG B 114 1.34 -4.45 22.62
CA ARG B 114 2.70 -4.66 23.12
C ARG B 114 3.39 -3.30 23.18
N ALA B 115 3.74 -2.87 24.39
CA ALA B 115 4.42 -1.59 24.57
C ALA B 115 5.79 -1.66 23.92
N SER B 116 6.09 -0.66 23.08
CA SER B 116 7.35 -0.62 22.36
C SER B 116 7.90 0.80 22.32
N PRO B 117 8.18 1.37 23.50
CA PRO B 117 8.63 2.76 23.60
C PRO B 117 10.06 2.96 23.09
N GLY B 118 10.45 4.21 22.87
CA GLY B 118 11.77 4.54 22.36
C GLY B 118 11.69 5.80 21.52
N HIS B 119 10.95 5.71 20.43
CA HIS B 119 10.57 6.88 19.64
C HIS B 119 9.88 7.86 20.59
N THR B 120 8.94 7.34 21.37
CA THR B 120 8.33 8.08 22.46
C THR B 120 8.03 7.09 23.59
N PRO B 121 7.77 7.59 24.81
CA PRO B 121 7.42 6.66 25.88
C PRO B 121 6.05 5.99 25.69
N GLY B 122 5.22 6.57 24.83
CA GLY B 122 3.85 6.08 24.65
C GLY B 122 3.65 5.19 23.44
N CYS B 123 4.73 4.84 22.76
CA CYS B 123 4.63 4.00 21.56
C CYS B 123 4.24 2.57 21.90
N VAL B 124 3.22 2.07 21.20
CA VAL B 124 2.81 0.68 21.31
C VAL B 124 2.71 0.04 19.93
N THR B 125 2.78 -1.28 19.90
CA THR B 125 2.67 -2.05 18.67
C THR B 125 1.42 -2.90 18.75
N PHE B 126 0.63 -2.92 17.68
CA PHE B 126 -0.60 -3.68 17.64
C PHE B 126 -0.43 -4.96 16.84
N VAL B 127 -0.48 -6.08 17.55
CA VAL B 127 -0.31 -7.39 16.95
C VAL B 127 -1.66 -8.09 16.88
N LEU B 128 -2.05 -8.50 15.67
CA LEU B 128 -3.29 -9.25 15.48
C LEU B 128 -3.17 -10.57 16.22
N ASN B 129 -4.27 -11.03 16.80
CA ASN B 129 -4.26 -12.25 17.63
C ASN B 129 -3.73 -13.45 16.85
N ASP B 130 -3.82 -13.37 15.53
CA ASP B 130 -3.29 -14.40 14.65
C ASP B 130 -1.76 -14.39 14.64
N HIS B 131 -1.17 -13.28 15.11
CA HIS B 131 0.27 -13.04 15.02
C HIS B 131 0.74 -13.04 13.56
N SER B 132 -0.18 -12.75 12.65
CA SER B 132 0.14 -12.68 11.23
C SER B 132 0.49 -11.26 10.79
N MET B 133 0.06 -10.27 11.58
CA MET B 133 0.33 -8.87 11.28
C MET B 133 0.77 -8.12 12.53
N ALA B 134 1.64 -7.14 12.35
CA ALA B 134 2.02 -6.24 13.42
C ALA B 134 2.08 -4.81 12.89
N PHE B 135 1.43 -3.90 13.61
CA PHE B 135 1.43 -2.48 13.26
C PHE B 135 2.31 -1.75 14.26
N THR B 136 3.49 -1.34 13.78
CA THR B 136 4.61 -1.01 14.65
C THR B 136 4.77 0.49 14.92
N GLY B 137 3.85 1.30 14.41
CA GLY B 137 3.96 2.74 14.57
C GLY B 137 5.29 3.23 14.00
N ASP B 138 5.98 4.08 14.77
CA ASP B 138 7.30 4.56 14.38
C ASP B 138 8.41 3.82 15.12
N ALA B 139 8.04 2.83 15.92
CA ALA B 139 9.03 2.04 16.63
C ALA B 139 9.91 1.28 15.64
N LEU B 140 9.27 0.58 14.71
CA LEU B 140 9.97 -0.13 13.66
C LEU B 140 9.48 0.32 12.29
N LEU B 141 10.38 0.86 11.50
CA LEU B 141 10.10 1.25 10.13
C LEU B 141 10.74 0.24 9.19
N ILE B 142 10.32 0.25 7.93
CA ILE B 142 10.87 -0.66 6.94
C ILE B 142 12.32 -0.26 6.66
N ARG B 143 13.24 -1.19 6.97
CA ARG B 143 14.68 -0.95 6.83
C ARG B 143 15.15 0.26 7.63
N GLY B 144 14.43 0.59 8.70
CA GLY B 144 14.81 1.71 9.54
C GLY B 144 14.05 1.74 10.85
N CYS B 145 13.93 2.93 11.43
CA CYS B 145 13.20 3.10 12.68
C CYS B 145 12.96 4.59 12.93
N GLY B 146 12.02 4.89 13.83
CA GLY B 146 11.74 6.26 14.19
C GLY B 146 12.93 6.92 14.88
N ARG B 147 13.04 8.23 14.72
CA ARG B 147 14.09 8.99 15.36
C ARG B 147 13.86 8.99 16.87
N THR B 148 14.93 9.19 17.64
CA THR B 148 14.87 9.11 19.10
C THR B 148 15.47 10.34 19.78
N ASP B 149 15.61 11.42 19.02
CA ASP B 149 16.25 12.63 19.54
C ASP B 149 15.24 13.68 19.99
N PHE B 150 13.95 13.33 19.96
CA PHE B 150 12.88 14.24 20.40
C PHE B 150 11.78 13.49 21.14
N GLN B 151 10.83 14.24 21.68
CA GLN B 151 9.70 13.68 22.42
C GLN B 151 10.15 12.73 23.54
N GLN B 152 11.19 13.12 24.26
CA GLN B 152 11.73 12.30 25.35
C GLN B 152 12.09 10.91 24.85
N GLY B 153 12.68 10.85 23.67
CA GLY B 153 13.04 9.59 23.07
C GLY B 153 14.33 9.03 23.64
N CYS B 154 14.44 7.71 23.66
CA CYS B 154 15.64 7.04 24.14
C CYS B 154 16.02 5.91 23.18
N ALA B 155 17.20 6.04 22.57
CA ALA B 155 17.66 5.06 21.59
C ALA B 155 17.79 3.67 22.21
N LYS B 156 18.43 3.59 23.37
CA LYS B 156 18.63 2.31 24.03
C LYS B 156 17.29 1.63 24.32
N THR B 157 16.29 2.42 24.70
CA THR B 157 14.96 1.88 24.98
C THR B 157 14.33 1.36 23.69
N LEU B 158 14.53 2.09 22.60
CA LEU B 158 13.98 1.69 21.31
C LEU B 158 14.56 0.35 20.86
N TYR B 159 15.87 0.23 20.94
CA TYR B 159 16.56 -0.99 20.54
C TYR B 159 16.00 -2.20 21.28
N HIS B 160 15.82 -2.06 22.59
CA HIS B 160 15.29 -3.14 23.41
C HIS B 160 13.81 -3.40 23.13
N SER B 161 13.06 -2.34 22.83
CA SER B 161 11.65 -2.48 22.48
C SER B 161 11.48 -3.40 21.28
N VAL B 162 12.19 -3.10 20.20
CA VAL B 162 12.05 -3.85 18.95
C VAL B 162 12.52 -5.29 19.09
N HIS B 163 13.63 -5.49 19.79
CA HIS B 163 14.23 -6.81 19.92
C HIS B 163 13.42 -7.73 20.83
N GLU B 164 12.78 -7.14 21.84
CA GLU B 164 12.09 -7.92 22.86
C GLU B 164 10.59 -8.09 22.56
N LYS B 165 10.03 -7.19 21.75
CA LYS B 165 8.59 -7.18 21.51
C LYS B 165 8.18 -7.45 20.05
N ILE B 166 9.04 -7.09 19.10
CA ILE B 166 8.70 -7.20 17.69
C ILE B 166 9.48 -8.32 16.98
N PHE B 167 10.78 -8.38 17.22
CA PHE B 167 11.61 -9.42 16.59
C PHE B 167 11.33 -10.79 17.18
N THR B 168 10.62 -10.82 18.30
CA THR B 168 10.24 -12.08 18.94
C THR B 168 8.96 -12.65 18.32
N LEU B 169 8.41 -11.95 17.34
CA LEU B 169 7.24 -12.44 16.62
C LEU B 169 7.69 -13.40 15.52
N PRO B 170 6.78 -14.26 15.05
CA PRO B 170 7.11 -15.16 13.93
C PRO B 170 7.67 -14.39 12.73
N GLY B 171 8.64 -14.99 12.05
CA GLY B 171 9.33 -14.34 10.95
C GLY B 171 8.40 -13.95 9.81
N ASP B 172 7.33 -14.73 9.62
CA ASP B 172 6.41 -14.51 8.52
C ASP B 172 5.44 -13.37 8.82
N CYS B 173 5.44 -12.90 10.07
CA CYS B 173 4.54 -11.84 10.50
C CYS B 173 4.83 -10.57 9.72
N LEU B 174 3.77 -9.93 9.20
CA LEU B 174 3.93 -8.72 8.40
C LEU B 174 4.23 -7.52 9.28
N ILE B 175 4.97 -6.56 8.72
CA ILE B 175 5.25 -5.30 9.39
C ILE B 175 4.59 -4.16 8.64
N TYR B 176 3.64 -3.52 9.32
CA TYR B 176 2.93 -2.37 8.76
C TYR B 176 3.27 -1.11 9.58
N PRO B 177 4.25 -0.32 9.10
CA PRO B 177 4.70 0.85 9.86
C PRO B 177 3.75 2.04 9.73
N ALA B 178 3.96 3.06 10.55
CA ALA B 178 3.13 4.27 10.49
C ALA B 178 3.65 5.24 9.44
N HIS B 179 4.89 5.04 9.00
CA HIS B 179 5.48 5.89 7.98
C HIS B 179 6.36 5.08 7.02
N ASP B 180 6.50 5.58 5.80
CA ASP B 180 7.51 5.09 4.87
C ASP B 180 7.90 6.18 3.87
N TYR B 181 9.19 6.44 3.78
CA TYR B 181 9.70 7.57 3.01
C TYR B 181 10.41 7.13 1.74
N HIS B 182 10.23 5.86 1.35
CA HIS B 182 10.99 5.29 0.23
C HIS B 182 10.16 4.45 -0.73
N GLY B 183 8.84 4.45 -0.55
CA GLY B 183 7.94 3.81 -1.50
C GLY B 183 7.54 2.39 -1.16
N PHE B 184 7.85 1.95 0.06
CA PHE B 184 7.43 0.61 0.51
C PHE B 184 6.12 0.69 1.25
N THR B 185 5.44 -0.46 1.38
CA THR B 185 4.13 -0.52 2.02
C THR B 185 4.05 -1.64 3.05
N VAL B 186 5.04 -2.53 3.06
CA VAL B 186 5.03 -3.66 3.98
C VAL B 186 6.41 -4.32 4.07
N SER B 187 6.66 -4.98 5.21
CA SER B 187 7.84 -5.82 5.37
C SER B 187 7.47 -7.00 6.26
N THR B 188 8.48 -7.74 6.71
CA THR B 188 8.26 -8.85 7.63
C THR B 188 9.27 -8.83 8.76
N VAL B 189 8.96 -9.54 9.83
CA VAL B 189 9.87 -9.67 10.96
C VAL B 189 11.19 -10.27 10.50
N GLU B 190 11.10 -11.35 9.72
CA GLU B 190 12.29 -12.04 9.23
C GLU B 190 13.20 -11.11 8.45
N GLU B 191 12.62 -10.29 7.59
CA GLU B 191 13.38 -9.31 6.82
C GLU B 191 14.12 -8.33 7.72
N GLU B 192 13.40 -7.72 8.64
CA GLU B 192 13.94 -6.64 9.45
C GLU B 192 15.03 -7.11 10.42
N ARG B 193 14.78 -8.20 11.15
CA ARG B 193 15.77 -8.67 12.12
C ARG B 193 16.98 -9.29 11.44
N THR B 194 16.96 -9.30 10.11
CA THR B 194 18.06 -9.84 9.31
C THR B 194 18.72 -8.75 8.47
N LEU B 195 17.93 -7.76 8.05
CA LEU B 195 18.37 -6.79 7.04
C LEU B 195 18.32 -5.34 7.49
N ASN B 196 17.57 -5.04 8.55
CA ASN B 196 17.48 -3.67 9.05
C ASN B 196 18.89 -3.14 9.35
N PRO B 197 19.34 -2.12 8.59
CA PRO B 197 20.72 -1.65 8.75
C PRO B 197 21.05 -1.16 10.15
N ARG B 198 20.04 -0.68 10.88
CA ARG B 198 20.25 -0.11 12.20
C ARG B 198 20.05 -1.14 13.31
N LEU B 199 18.94 -1.87 13.25
CA LEU B 199 18.55 -2.74 14.35
C LEU B 199 19.33 -4.07 14.40
N THR B 200 20.09 -4.37 13.36
CA THR B 200 20.92 -5.57 13.35
C THR B 200 22.28 -5.29 14.00
N LEU B 201 22.59 -4.02 14.21
CA LEU B 201 23.81 -3.64 14.92
C LEU B 201 23.68 -4.02 16.38
N SER B 202 24.78 -3.88 17.12
CA SER B 202 24.75 -4.04 18.57
C SER B 202 24.04 -2.82 19.15
N CYS B 203 23.58 -2.94 20.39
CA CYS B 203 22.89 -1.83 21.06
C CYS B 203 23.82 -0.61 21.14
N GLU B 204 25.09 -0.87 21.42
CA GLU B 204 26.11 0.17 21.47
C GLU B 204 26.14 0.94 20.16
N GLU B 205 26.42 0.22 19.08
CA GLU B 205 26.54 0.81 17.75
C GLU B 205 25.25 1.52 17.34
N PHE B 206 24.11 1.00 17.80
CA PHE B 206 22.82 1.59 17.47
C PHE B 206 22.67 2.97 18.11
N VAL B 207 22.93 3.05 19.41
CA VAL B 207 22.80 4.30 20.15
C VAL B 207 23.68 5.39 19.55
N LYS B 208 24.87 5.01 19.10
CA LYS B 208 25.83 5.99 18.60
C LYS B 208 25.42 6.54 17.24
N ILE B 209 24.72 5.74 16.44
CA ILE B 209 24.25 6.19 15.14
C ILE B 209 23.01 7.07 15.25
N MET B 210 22.11 6.71 16.16
CA MET B 210 20.87 7.46 16.32
C MET B 210 21.14 8.87 16.84
N GLY B 211 22.27 9.04 17.52
CA GLY B 211 22.65 10.32 18.08
C GLY B 211 23.43 11.19 17.11
N ASN B 212 23.83 10.61 15.97
CA ASN B 212 24.65 11.31 14.98
C ASN B 212 23.92 11.58 13.66
N LEU B 213 22.62 11.34 13.64
CA LEU B 213 21.82 11.63 12.44
C LEU B 213 21.72 13.14 12.26
N ASN B 214 21.70 13.87 13.37
CA ASN B 214 21.69 15.33 13.38
C ASN B 214 20.60 15.91 12.48
N LEU B 215 19.47 15.22 12.40
CA LEU B 215 18.35 15.69 11.59
C LEU B 215 17.76 16.95 12.23
N PRO B 216 16.93 17.70 11.48
CA PRO B 216 16.36 18.93 12.01
C PRO B 216 15.00 18.70 12.69
N LYS B 217 14.65 19.58 13.62
CA LYS B 217 13.34 19.54 14.25
C LYS B 217 12.27 19.56 13.17
N PRO B 218 11.30 18.63 13.24
CA PRO B 218 10.24 18.63 12.21
C PRO B 218 9.48 19.95 12.16
N GLN B 219 8.87 20.24 11.01
CA GLN B 219 8.20 21.51 10.79
C GLN B 219 6.98 21.70 11.69
N GLN B 220 6.24 20.61 11.92
CA GLN B 220 4.93 20.70 12.57
C GLN B 220 4.92 20.25 14.03
N ILE B 221 6.08 19.81 14.54
CA ILE B 221 6.15 19.26 15.90
C ILE B 221 5.61 20.24 16.96
N ASP B 222 5.79 21.53 16.73
CA ASP B 222 5.33 22.54 17.68
C ASP B 222 3.82 22.62 17.73
N PHE B 223 3.17 22.40 16.58
CA PHE B 223 1.72 22.48 16.48
C PHE B 223 1.08 21.08 16.54
N ALA B 224 1.82 20.07 16.12
CA ALA B 224 1.29 18.72 16.02
C ALA B 224 1.13 18.05 17.38
N VAL B 225 2.20 18.03 18.17
CA VAL B 225 2.20 17.33 19.46
C VAL B 225 1.11 17.84 20.40
N PRO B 226 1.04 19.17 20.64
CA PRO B 226 0.01 19.65 21.56
C PRO B 226 -1.39 19.25 21.11
N ALA B 227 -1.69 19.40 19.83
CA ALA B 227 -3.00 19.05 19.30
C ALA B 227 -3.32 17.58 19.54
N ASN B 228 -2.32 16.73 19.39
CA ASN B 228 -2.49 15.30 19.57
C ASN B 228 -2.66 14.92 21.04
N MET B 229 -2.05 15.70 21.93
CA MET B 229 -2.23 15.51 23.37
C MET B 229 -3.67 15.77 23.77
N ARG B 230 -4.37 16.56 22.96
CA ARG B 230 -5.77 16.90 23.22
C ARG B 230 -6.70 16.14 22.28
N GLY B 232 -6.51 15.76 19.07
CA GLY B 232 -6.67 16.39 17.77
C GLY B 232 -7.21 17.82 17.79
N VAL B 233 -7.73 18.25 18.95
CA VAL B 233 -8.33 19.58 19.04
C VAL B 233 -7.27 20.68 18.94
N GLN B 234 -7.46 21.57 17.96
CA GLN B 234 -6.60 22.74 17.78
C GLN B 234 -7.47 23.98 17.57
N THR B 235 -6.85 25.15 17.63
CA THR B 235 -7.58 26.41 17.45
C THR B 235 -8.32 26.41 16.12
N PRO B 236 -9.62 26.77 16.13
CA PRO B 236 -10.47 26.58 14.95
C PRO B 236 -10.34 27.67 13.89
N THR B 237 -10.58 27.27 12.64
CA THR B 237 -10.69 28.20 11.51
C THR B 237 -9.53 29.19 11.44
#